data_9HJ7
#
_entry.id   9HJ7
#
_cell.length_a   60.582
_cell.length_b   54.850
_cell.length_c   97.776
_cell.angle_alpha   90.00
_cell.angle_beta   107.72
_cell.angle_gamma   90.00
#
_symmetry.space_group_name_H-M   'P 1 21 1'
#
loop_
_entity.id
_entity.type
_entity.pdbx_description
1 polymer Chitinase
2 non-polymer DI(HYDROXYETHYL)ETHER
3 non-polymer GLYCEROL
4 non-polymer 'SULFATE ION'
5 non-polymer 2-acetamido-2-deoxy-beta-D-glucopyranose
6 water water
#
_entity_poly.entity_id   1
_entity_poly.type   'polypeptide(L)'
_entity_poly.pdbx_seq_one_letter_code
;QPPKGVAVYWGQNSGGGQVRLRHTCDRDAVDTVILSFLTSFPKMVLNFSNMCWQTFPDGLLHCKDIADDIKYCQLKGKTV
LLSLGGASGTYGFSSDDEARQFAQTMYDTFGPGHTAERPFDDAVVDGYDFDMETSGVGYVAFAQELNRLHSHMKKFYLTA
APQCPYPDRALGDVLSSAQMSAVYIQFYNNYCSLSGGSFNFATDWKNYARTVSPNKNVLLYIGLPGAPRSAGLGYVDIEQ
VKRVVGKDILDDPNFGGFMLWDASSAEANKDAHGVSYDQQLKNYMNNPGVD
;
_entity_poly.pdbx_strand_id   A,B
#
# COMPACT_ATOMS: atom_id res chain seq x y z
N GLN A 1 -0.15 -15.80 25.01
CA GLN A 1 -0.21 -14.34 24.69
C GLN A 1 -1.18 -14.08 23.53
N PRO A 2 -1.00 -14.62 22.31
CA PRO A 2 -1.92 -14.31 21.20
C PRO A 2 -3.33 -14.86 21.40
N PRO A 3 -4.33 -14.33 20.68
CA PRO A 3 -5.71 -14.83 20.77
C PRO A 3 -5.86 -16.27 20.28
N LYS A 4 -6.45 -17.13 21.13
CA LYS A 4 -6.86 -18.46 20.72
C LYS A 4 -7.89 -18.36 19.59
N GLY A 5 -7.99 -19.44 18.80
CA GLY A 5 -8.82 -19.44 17.62
C GLY A 5 -8.02 -19.89 16.41
N VAL A 6 -8.20 -19.21 15.28
CA VAL A 6 -7.68 -19.69 14.02
C VAL A 6 -6.70 -18.67 13.48
N ALA A 7 -5.51 -19.17 13.12
CA ALA A 7 -4.45 -18.34 12.57
C ALA A 7 -4.24 -18.75 11.11
N VAL A 8 -4.18 -17.76 10.20
CA VAL A 8 -3.97 -18.06 8.79
C VAL A 8 -2.75 -17.29 8.26
N TYR A 9 -1.94 -18.00 7.47
CA TYR A 9 -0.91 -17.37 6.66
C TYR A 9 -1.58 -16.70 5.46
N TRP A 10 -0.96 -15.62 5.00
CA TRP A 10 -1.48 -14.89 3.86
C TRP A 10 -0.30 -14.29 3.12
N GLY A 11 -0.35 -14.34 1.79
CA GLY A 11 0.64 -13.67 0.99
C GLY A 11 1.12 -14.52 -0.19
N GLN A 12 1.17 -15.84 -0.01
CA GLN A 12 1.76 -16.72 -1.02
C GLN A 12 0.70 -17.38 -1.92
N ASN A 13 -0.59 -17.16 -1.68
CA ASN A 13 -1.61 -17.49 -2.66
C ASN A 13 -1.63 -18.98 -2.99
N SER A 14 -1.75 -19.85 -1.98
CA SER A 14 -1.89 -21.28 -2.19
CA SER A 14 -1.89 -21.28 -2.19
C SER A 14 -3.17 -21.58 -2.96
N GLY A 15 -4.24 -20.83 -2.67
CA GLY A 15 -5.52 -21.02 -3.33
C GLY A 15 -5.43 -20.81 -4.85
N GLY A 16 -4.77 -19.71 -5.27
CA GLY A 16 -4.78 -19.30 -6.66
C GLY A 16 -5.51 -17.98 -6.86
N GLY A 17 -6.56 -17.74 -6.06
CA GLY A 17 -7.35 -16.53 -6.21
C GLY A 17 -7.24 -15.61 -5.00
N GLN A 18 -6.03 -15.45 -4.50
CA GLN A 18 -5.79 -14.61 -3.34
C GLN A 18 -6.14 -13.16 -3.68
N VAL A 19 -6.80 -12.50 -2.74
CA VAL A 19 -7.14 -11.09 -2.89
C VAL A 19 -6.58 -10.33 -1.68
N ARG A 20 -6.97 -9.05 -1.52
CA ARG A 20 -6.35 -8.19 -0.54
C ARG A 20 -6.51 -8.75 0.87
N LEU A 21 -5.53 -8.39 1.71
CA LEU A 21 -5.51 -8.82 3.09
C LEU A 21 -6.79 -8.41 3.83
N ARG A 22 -7.37 -7.25 3.49
CA ARG A 22 -8.55 -6.75 4.20
C ARG A 22 -9.70 -7.75 4.17
N HIS A 23 -9.88 -8.45 3.05
CA HIS A 23 -10.97 -9.41 2.90
C HIS A 23 -10.86 -10.51 3.95
N THR A 24 -9.64 -10.94 4.25
CA THR A 24 -9.43 -12.00 5.22
C THR A 24 -9.77 -11.52 6.63
N CYS A 25 -9.48 -10.25 6.93
CA CYS A 25 -9.72 -9.73 8.27
C CYS A 25 -11.19 -9.43 8.53
N ASP A 26 -12.00 -9.48 7.46
CA ASP A 26 -13.44 -9.37 7.61
C ASP A 26 -14.06 -10.68 8.06
N ARG A 27 -13.29 -11.78 8.09
CA ARG A 27 -13.87 -13.07 8.40
C ARG A 27 -13.76 -13.35 9.90
N ASP A 28 -14.89 -13.76 10.49
CA ASP A 28 -14.97 -13.97 11.93
C ASP A 28 -14.26 -15.25 12.33
N ALA A 29 -14.05 -16.13 11.34
CA ALA A 29 -13.30 -17.36 11.53
C ALA A 29 -11.84 -17.08 11.86
N VAL A 30 -11.33 -15.92 11.43
CA VAL A 30 -9.91 -15.66 11.56
C VAL A 30 -9.62 -14.69 12.70
N ASP A 31 -8.59 -15.02 13.48
CA ASP A 31 -8.16 -14.21 14.61
C ASP A 31 -6.77 -13.65 14.41
N THR A 32 -5.87 -14.41 13.75
CA THR A 32 -4.49 -13.99 13.52
C THR A 32 -4.17 -14.12 12.03
N VAL A 33 -3.58 -13.09 11.43
CA VAL A 33 -3.10 -13.21 10.06
CA VAL A 33 -3.10 -13.19 10.06
C VAL A 33 -1.57 -13.06 10.06
N ILE A 34 -0.91 -13.91 9.27
CA ILE A 34 0.55 -14.00 9.24
C ILE A 34 1.03 -13.75 7.81
N LEU A 35 1.70 -12.60 7.60
CA LEU A 35 2.16 -12.19 6.29
C LEU A 35 3.34 -13.06 5.85
N SER A 36 3.14 -13.76 4.73
CA SER A 36 4.12 -14.63 4.09
C SER A 36 4.60 -14.02 2.78
N PHE A 37 5.89 -13.70 2.61
CA PHE A 37 6.94 -13.77 3.61
C PHE A 37 8.00 -12.69 3.37
N LEU A 38 8.83 -12.47 4.39
CA LEU A 38 10.21 -12.03 4.16
C LEU A 38 11.04 -13.26 3.79
N THR A 39 11.22 -13.48 2.48
CA THR A 39 11.81 -14.71 1.95
C THR A 39 13.33 -14.69 2.14
N SER A 40 13.93 -13.50 2.30
CA SER A 40 15.37 -13.46 2.50
C SER A 40 15.75 -12.42 3.54
N PHE A 41 16.85 -12.71 4.24
CA PHE A 41 17.41 -11.84 5.25
C PHE A 41 18.77 -12.40 5.66
N PRO A 42 19.73 -11.58 6.14
CA PRO A 42 19.53 -10.14 6.36
C PRO A 42 19.51 -9.25 5.11
N LYS A 43 19.92 -9.77 3.95
CA LYS A 43 19.65 -9.09 2.69
C LYS A 43 18.18 -9.32 2.37
N MET A 44 17.36 -8.30 2.64
CA MET A 44 15.93 -8.46 2.73
C MET A 44 15.29 -8.57 1.35
N VAL A 45 14.41 -9.55 1.19
CA VAL A 45 13.53 -9.65 0.04
C VAL A 45 12.14 -9.99 0.58
N LEU A 46 11.15 -9.19 0.19
CA LEU A 46 9.75 -9.51 0.44
C LEU A 46 9.11 -10.09 -0.80
N ASN A 47 8.07 -10.91 -0.57
CA ASN A 47 7.33 -11.59 -1.60
C ASN A 47 5.93 -11.84 -1.10
N PHE A 48 4.97 -11.09 -1.65
CA PHE A 48 3.56 -11.33 -1.42
C PHE A 48 2.90 -11.70 -2.75
N SER A 49 3.65 -12.44 -3.59
CA SER A 49 2.99 -13.19 -4.63
C SER A 49 2.24 -12.21 -5.55
N ASN A 50 0.91 -12.19 -5.52
CA ASN A 50 0.14 -11.44 -6.50
C ASN A 50 -0.37 -10.12 -5.94
N MET A 51 0.22 -9.60 -4.85
CA MET A 51 -0.39 -8.49 -4.13
C MET A 51 0.52 -7.28 -3.93
N CYS A 52 1.81 -7.35 -4.27
CA CYS A 52 2.64 -6.16 -4.12
C CYS A 52 3.78 -6.27 -5.13
N TRP A 53 3.76 -5.37 -6.10
CA TRP A 53 4.71 -5.39 -7.20
C TRP A 53 5.50 -4.08 -7.27
N GLN A 54 5.12 -3.07 -6.50
CA GLN A 54 5.91 -1.84 -6.47
C GLN A 54 7.09 -1.96 -5.52
N THR A 55 8.16 -1.24 -5.84
CA THR A 55 9.36 -1.22 -5.02
C THR A 55 9.80 0.20 -4.70
N PHE A 56 10.66 0.31 -3.69
CA PHE A 56 11.49 1.48 -3.46
C PHE A 56 12.64 1.51 -4.48
N PRO A 57 13.37 2.62 -4.60
CA PRO A 57 14.50 2.68 -5.53
C PRO A 57 15.58 1.60 -5.37
N ASP A 58 15.73 0.97 -4.20
CA ASP A 58 16.73 -0.07 -4.01
C ASP A 58 16.15 -1.48 -4.25
N GLY A 59 14.89 -1.61 -4.68
CA GLY A 59 14.34 -2.92 -5.00
C GLY A 59 13.49 -3.53 -3.88
N LEU A 60 13.49 -2.96 -2.66
CA LEU A 60 12.62 -3.45 -1.58
C LEU A 60 11.16 -3.18 -1.91
N LEU A 61 10.29 -4.18 -1.68
CA LEU A 61 8.88 -4.00 -1.91
C LEU A 61 8.34 -2.83 -1.09
N HIS A 62 7.43 -2.06 -1.70
CA HIS A 62 6.70 -0.99 -1.05
C HIS A 62 5.21 -1.27 -1.27
N CYS A 63 4.49 -1.54 -0.17
CA CYS A 63 3.21 -2.23 -0.20
C CYS A 63 2.15 -1.38 0.50
N LYS A 64 1.65 -0.38 -0.20
CA LYS A 64 0.75 0.60 0.38
C LYS A 64 -0.58 -0.06 0.75
N ASP A 65 -1.07 -0.97 -0.11
CA ASP A 65 -2.37 -1.60 0.12
C ASP A 65 -2.29 -2.57 1.31
N ILE A 66 -1.15 -3.25 1.45
CA ILE A 66 -0.98 -4.12 2.60
C ILE A 66 -0.88 -3.28 3.88
N ALA A 67 -0.11 -2.19 3.84
CA ALA A 67 0.01 -1.30 4.99
C ALA A 67 -1.37 -0.88 5.49
N ASP A 68 -2.25 -0.50 4.57
CA ASP A 68 -3.59 -0.06 4.95
C ASP A 68 -4.39 -1.20 5.58
N ASP A 69 -4.18 -2.42 5.07
CA ASP A 69 -4.91 -3.60 5.51
C ASP A 69 -4.38 -4.08 6.86
N ILE A 70 -3.08 -3.88 7.14
CA ILE A 70 -2.55 -4.15 8.47
C ILE A 70 -3.29 -3.29 9.49
N LYS A 71 -3.36 -1.97 9.23
CA LYS A 71 -3.98 -1.04 10.15
C LYS A 71 -5.46 -1.40 10.30
N TYR A 72 -6.07 -1.83 9.20
CA TYR A 72 -7.48 -2.17 9.19
C TYR A 72 -7.72 -3.47 9.96
N CYS A 73 -6.87 -4.46 9.75
CA CYS A 73 -6.98 -5.72 10.49
C CYS A 73 -6.84 -5.48 11.99
N GLN A 74 -5.91 -4.61 12.39
CA GLN A 74 -5.68 -4.32 13.79
C GLN A 74 -6.91 -3.64 14.40
N LEU A 75 -7.53 -2.79 13.59
CA LEU A 75 -8.73 -2.07 13.98
C LEU A 75 -9.89 -3.05 14.16
N LYS A 76 -9.91 -4.14 13.39
CA LYS A 76 -10.95 -5.16 13.52
C LYS A 76 -10.60 -6.18 14.61
N GLY A 77 -9.56 -5.91 15.41
CA GLY A 77 -9.21 -6.76 16.54
C GLY A 77 -8.40 -7.99 16.14
N LYS A 78 -7.86 -8.02 14.92
CA LYS A 78 -7.02 -9.13 14.49
C LYS A 78 -5.56 -8.84 14.78
N THR A 79 -4.80 -9.90 15.08
CA THR A 79 -3.36 -9.84 15.27
C THR A 79 -2.68 -10.04 13.91
N VAL A 80 -1.68 -9.22 13.61
CA VAL A 80 -0.97 -9.33 12.35
C VAL A 80 0.52 -9.58 12.63
N LEU A 81 1.03 -10.70 12.12
CA LEU A 81 2.44 -11.02 12.24
C LEU A 81 3.07 -10.97 10.86
N LEU A 82 4.41 -10.85 10.85
CA LEU A 82 5.21 -11.00 9.66
C LEU A 82 6.09 -12.22 9.79
N SER A 83 6.07 -13.09 8.77
CA SER A 83 6.76 -14.36 8.83
C SER A 83 8.03 -14.29 7.99
N LEU A 84 9.06 -14.98 8.46
CA LEU A 84 10.39 -14.99 7.89
C LEU A 84 10.71 -16.38 7.41
N GLY A 85 11.26 -16.48 6.20
CA GLY A 85 11.74 -17.74 5.67
C GLY A 85 10.78 -18.30 4.63
N GLY A 86 10.18 -19.43 4.97
CA GLY A 86 9.43 -20.22 4.01
C GLY A 86 10.35 -21.23 3.32
N ALA A 87 9.76 -22.21 2.63
CA ALA A 87 10.51 -23.31 2.05
C ALA A 87 11.40 -22.81 0.89
N SER A 88 10.99 -21.70 0.25
CA SER A 88 11.73 -21.15 -0.88
C SER A 88 12.61 -19.98 -0.45
N GLY A 89 12.74 -19.74 0.86
CA GLY A 89 13.59 -18.68 1.38
C GLY A 89 15.09 -18.93 1.15
N THR A 90 15.85 -17.84 0.92
CA THR A 90 17.30 -17.84 1.02
C THR A 90 17.72 -16.88 2.12
N TYR A 91 18.22 -17.44 3.22
CA TYR A 91 18.45 -16.67 4.42
C TYR A 91 19.60 -17.29 5.20
N GLY A 92 20.27 -16.45 6.00
CA GLY A 92 21.20 -16.96 6.99
C GLY A 92 22.04 -15.84 7.57
N PHE A 93 22.58 -16.11 8.77
CA PHE A 93 23.46 -15.17 9.43
C PHE A 93 24.86 -15.76 9.44
N SER A 94 25.86 -14.88 9.47
CA SER A 94 27.25 -15.30 9.57
C SER A 94 27.69 -15.38 11.04
N SER A 95 26.96 -14.73 11.96
CA SER A 95 27.33 -14.76 13.36
C SER A 95 26.16 -14.33 14.24
N ASP A 96 26.32 -14.53 15.55
CA ASP A 96 25.37 -14.04 16.55
C ASP A 96 25.29 -12.51 16.48
N ASP A 97 26.42 -11.85 16.22
CA ASP A 97 26.46 -10.39 16.16
C ASP A 97 25.64 -9.89 14.98
N GLU A 98 25.84 -10.48 13.80
CA GLU A 98 25.05 -10.14 12.63
C GLU A 98 23.56 -10.33 12.95
N ALA A 99 23.26 -11.41 13.70
CA ALA A 99 21.89 -11.75 14.05
C ALA A 99 21.28 -10.66 14.95
N ARG A 100 22.07 -10.13 15.89
CA ARG A 100 21.59 -9.12 16.82
C ARG A 100 21.37 -7.79 16.12
N GLN A 101 22.27 -7.41 15.22
CA GLN A 101 22.08 -6.21 14.42
C GLN A 101 20.82 -6.28 13.59
N PHE A 102 20.55 -7.44 12.98
CA PHE A 102 19.43 -7.54 12.07
C PHE A 102 18.10 -7.44 12.83
N ALA A 103 18.09 -7.87 14.11
CA ALA A 103 16.93 -7.62 14.97
C ALA A 103 16.62 -6.12 15.03
N GLN A 104 17.65 -5.28 15.21
CA GLN A 104 17.51 -3.84 15.18
C GLN A 104 16.94 -3.39 13.83
N THR A 105 17.48 -3.95 12.73
CA THR A 105 16.95 -3.66 11.41
C THR A 105 15.45 -3.93 11.36
N MET A 106 15.02 -5.05 11.97
CA MET A 106 13.62 -5.45 11.96
C MET A 106 12.76 -4.48 12.76
N TYR A 107 13.27 -4.10 13.94
CA TYR A 107 12.61 -3.13 14.78
C TYR A 107 12.34 -1.84 14.01
N ASP A 108 13.31 -1.43 13.20
CA ASP A 108 13.23 -0.16 12.52
C ASP A 108 12.46 -0.25 11.19
N THR A 109 12.50 -1.41 10.53
CA THR A 109 11.92 -1.53 9.20
C THR A 109 10.45 -1.90 9.30
N PHE A 110 10.13 -2.80 10.24
CA PHE A 110 8.80 -3.37 10.33
C PHE A 110 8.14 -3.05 11.68
N GLY A 111 8.96 -2.89 12.72
CA GLY A 111 8.45 -2.63 14.06
C GLY A 111 8.20 -1.15 14.30
N PRO A 112 8.24 -0.70 15.58
CA PRO A 112 7.93 0.70 15.92
C PRO A 112 9.02 1.73 15.65
N GLY A 113 10.22 1.29 15.26
CA GLY A 113 11.31 2.19 14.91
C GLY A 113 11.07 2.92 13.59
N HIS A 114 12.12 3.57 13.10
CA HIS A 114 12.07 4.40 11.90
C HIS A 114 13.29 4.09 11.04
N THR A 115 13.12 4.38 9.76
CA THR A 115 14.12 4.15 8.74
C THR A 115 13.50 4.71 7.46
N ALA A 116 14.32 5.00 6.44
CA ALA A 116 13.85 5.65 5.23
C ALA A 116 12.87 4.77 4.44
N GLU A 117 13.12 3.47 4.42
CA GLU A 117 12.35 2.57 3.60
C GLU A 117 11.65 1.53 4.47
N ARG A 118 10.37 1.81 4.76
CA ARG A 118 9.51 0.91 5.49
C ARG A 118 8.46 0.39 4.52
N PRO A 119 8.46 -0.91 4.17
CA PRO A 119 7.49 -1.45 3.21
C PRO A 119 6.03 -1.21 3.56
N PHE A 120 5.75 -1.11 4.87
CA PHE A 120 4.40 -0.89 5.33
C PHE A 120 4.24 0.50 5.96
N ASP A 121 5.12 1.43 5.61
CA ASP A 121 5.06 2.81 6.08
C ASP A 121 4.80 2.84 7.59
N ASP A 122 3.74 3.52 8.02
CA ASP A 122 3.51 3.75 9.45
C ASP A 122 2.81 2.55 10.09
N ALA A 123 2.38 1.55 9.33
CA ALA A 123 1.83 0.34 9.92
C ALA A 123 2.91 -0.38 10.70
N VAL A 124 2.52 -0.95 11.85
CA VAL A 124 3.43 -1.63 12.74
C VAL A 124 2.87 -3.02 13.00
N VAL A 125 3.65 -4.06 12.71
CA VAL A 125 3.15 -5.41 12.89
C VAL A 125 3.21 -5.76 14.38
N ASP A 126 2.37 -6.70 14.77
CA ASP A 126 2.23 -7.07 16.17
C ASP A 126 3.33 -8.03 16.59
N GLY A 127 4.13 -8.55 15.63
CA GLY A 127 5.11 -9.56 15.95
C GLY A 127 5.67 -10.28 14.73
N TYR A 128 6.58 -11.22 14.98
CA TYR A 128 7.26 -11.98 13.94
C TYR A 128 7.06 -13.49 14.14
N ASP A 129 7.05 -14.20 13.00
CA ASP A 129 6.95 -15.65 12.97
C ASP A 129 8.19 -16.24 12.30
N PHE A 130 8.89 -17.11 13.01
CA PHE A 130 10.03 -17.80 12.45
C PHE A 130 9.52 -18.97 11.63
N ASP A 131 9.71 -18.88 10.31
CA ASP A 131 9.39 -20.01 9.44
C ASP A 131 10.60 -20.42 8.60
N MET A 132 11.79 -20.45 9.22
CA MET A 132 12.93 -21.10 8.65
C MET A 132 12.73 -22.62 8.73
N GLU A 133 12.88 -23.29 7.58
CA GLU A 133 12.76 -24.74 7.48
C GLU A 133 14.15 -25.38 7.48
N THR A 134 15.23 -24.59 7.51
CA THR A 134 16.58 -25.13 7.52
C THR A 134 17.37 -24.61 8.73
N SER A 135 18.37 -25.40 9.15
CA SER A 135 19.27 -25.06 10.23
C SER A 135 20.19 -23.93 9.81
N GLY A 136 20.50 -23.04 10.76
CA GLY A 136 21.39 -21.93 10.51
C GLY A 136 22.04 -21.42 11.79
N VAL A 137 22.86 -20.37 11.63
CA VAL A 137 23.59 -19.78 12.72
C VAL A 137 22.78 -18.61 13.24
N GLY A 138 22.77 -18.43 14.56
CA GLY A 138 22.36 -17.18 15.18
C GLY A 138 20.86 -17.06 15.38
N TYR A 139 20.11 -18.16 15.23
CA TYR A 139 18.67 -18.09 15.39
C TYR A 139 18.30 -17.72 16.82
N VAL A 140 18.99 -18.32 17.79
CA VAL A 140 18.66 -18.06 19.18
C VAL A 140 19.02 -16.62 19.53
N ALA A 141 20.17 -16.17 19.03
CA ALA A 141 20.58 -14.79 19.26
C ALA A 141 19.57 -13.85 18.63
N PHE A 142 19.07 -14.21 17.45
CA PHE A 142 18.08 -13.42 16.74
C PHE A 142 16.79 -13.32 17.54
N ALA A 143 16.30 -14.46 18.03
CA ALA A 143 15.03 -14.48 18.73
C ALA A 143 15.11 -13.63 20.00
N GLN A 144 16.20 -13.80 20.75
CA GLN A 144 16.39 -13.12 22.01
C GLN A 144 16.48 -11.61 21.81
N GLU A 145 17.19 -11.18 20.77
CA GLU A 145 17.38 -9.76 20.55
C GLU A 145 16.06 -9.12 20.12
N LEU A 146 15.27 -9.83 19.33
CA LEU A 146 13.93 -9.35 18.95
C LEU A 146 13.08 -9.16 20.20
N ASN A 147 13.16 -10.11 21.13
CA ASN A 147 12.37 -10.02 22.35
C ASN A 147 12.79 -8.80 23.15
N ARG A 148 14.10 -8.63 23.34
CA ARG A 148 14.64 -7.54 24.14
C ARG A 148 14.20 -6.22 23.52
N LEU A 149 14.41 -6.06 22.21
CA LEU A 149 14.16 -4.81 21.53
C LEU A 149 12.69 -4.43 21.52
N HIS A 150 11.81 -5.43 21.59
CA HIS A 150 10.40 -5.20 21.38
C HIS A 150 9.62 -5.34 22.68
N SER A 151 10.34 -5.40 23.81
CA SER A 151 9.74 -5.73 25.09
C SER A 151 9.02 -4.55 25.75
N HIS A 152 9.01 -3.38 25.10
CA HIS A 152 8.39 -2.17 25.64
C HIS A 152 7.10 -1.85 24.89
N MET A 153 6.84 -2.53 23.76
CA MET A 153 5.55 -2.46 23.08
C MET A 153 4.45 -3.00 23.99
N LYS A 154 3.20 -2.64 23.73
CA LYS A 154 2.07 -3.18 24.49
C LYS A 154 1.84 -4.65 24.16
N LYS A 155 1.68 -4.95 22.87
CA LYS A 155 1.48 -6.28 22.36
C LYS A 155 2.64 -6.60 21.41
N PHE A 156 3.51 -7.54 21.80
CA PHE A 156 4.56 -8.06 20.95
C PHE A 156 4.53 -9.57 20.99
N TYR A 157 4.58 -10.20 19.82
CA TYR A 157 4.56 -11.65 19.75
C TYR A 157 5.75 -12.18 18.97
N LEU A 158 6.40 -13.19 19.53
CA LEU A 158 7.37 -13.95 18.77
C LEU A 158 6.86 -15.36 18.66
N THR A 159 6.69 -15.84 17.42
CA THR A 159 6.18 -17.18 17.15
C THR A 159 7.14 -17.90 16.21
N ALA A 160 6.94 -19.21 16.09
CA ALA A 160 7.66 -20.06 15.16
C ALA A 160 6.74 -21.15 14.62
N ALA A 161 7.09 -21.66 13.42
CA ALA A 161 6.30 -22.67 12.73
C ALA A 161 7.16 -23.89 12.41
N PRO A 162 7.51 -24.72 13.42
CA PRO A 162 8.28 -25.93 13.17
C PRO A 162 7.37 -26.92 12.49
N GLN A 163 7.96 -27.93 11.88
CA GLN A 163 7.19 -29.06 11.39
C GLN A 163 6.99 -30.03 12.53
N CYS A 164 6.09 -30.99 12.36
CA CYS A 164 5.61 -31.78 13.47
C CYS A 164 6.69 -32.69 14.04
N PRO A 165 7.67 -33.23 13.27
CA PRO A 165 8.68 -34.12 13.85
C PRO A 165 9.44 -33.42 14.96
N TYR A 166 9.47 -34.06 16.14
CA TYR A 166 10.07 -33.49 17.33
C TYR A 166 11.37 -34.22 17.65
N PRO A 167 12.48 -33.55 18.03
CA PRO A 167 12.62 -32.09 17.92
C PRO A 167 12.72 -31.60 16.49
N ASP A 168 12.24 -30.36 16.26
CA ASP A 168 12.46 -29.68 14.99
C ASP A 168 13.93 -29.28 14.89
N ARG A 169 14.55 -29.63 13.76
CA ARG A 169 15.97 -29.46 13.56
C ARG A 169 16.29 -27.99 13.28
N ALA A 170 15.41 -27.33 12.52
CA ALA A 170 15.62 -25.93 12.19
C ALA A 170 15.45 -25.02 13.41
N LEU A 171 14.40 -25.24 14.20
CA LEU A 171 13.96 -24.23 15.15
C LEU A 171 13.96 -24.73 16.59
N GLY A 172 14.41 -25.96 16.81
CA GLY A 172 14.37 -26.57 18.13
C GLY A 172 15.10 -25.73 19.18
N ASP A 173 16.25 -25.15 18.81
CA ASP A 173 17.03 -24.37 19.76
C ASP A 173 16.31 -23.09 20.16
N VAL A 174 15.79 -22.37 19.17
CA VAL A 174 14.93 -21.23 19.47
C VAL A 174 13.82 -21.69 20.42
N LEU A 175 13.17 -22.81 20.12
CA LEU A 175 12.00 -23.24 20.88
C LEU A 175 12.35 -23.59 22.32
N SER A 176 13.59 -24.02 22.54
CA SER A 176 14.01 -24.45 23.87
C SER A 176 14.71 -23.33 24.63
N SER A 177 15.15 -22.27 23.93
CA SER A 177 16.02 -21.27 24.51
C SER A 177 15.37 -19.90 24.60
N ALA A 178 14.22 -19.68 23.94
CA ALA A 178 13.68 -18.34 23.88
C ALA A 178 12.21 -18.35 24.25
N GLN A 179 11.74 -17.16 24.66
CA GLN A 179 10.37 -16.95 25.08
C GLN A 179 9.50 -16.82 23.85
N MET A 180 8.68 -17.85 23.62
CA MET A 180 7.85 -17.94 22.45
C MET A 180 6.42 -17.67 22.86
N SER A 181 5.75 -16.78 22.12
CA SER A 181 4.35 -16.47 22.35
C SER A 181 3.49 -17.63 21.87
N ALA A 182 3.83 -18.22 20.73
CA ALA A 182 3.05 -19.29 20.12
C ALA A 182 3.88 -20.09 19.12
N VAL A 183 3.45 -21.33 18.91
CA VAL A 183 4.12 -22.25 18.01
C VAL A 183 3.07 -22.83 17.06
N TYR A 184 3.26 -22.60 15.77
CA TYR A 184 2.34 -23.09 14.75
C TYR A 184 2.95 -24.35 14.15
N ILE A 185 2.63 -25.50 14.74
CA ILE A 185 3.25 -26.75 14.32
C ILE A 185 2.62 -27.21 13.00
N GLN A 186 3.47 -27.50 12.02
CA GLN A 186 3.03 -28.02 10.74
C GLN A 186 2.81 -29.52 10.80
N PHE A 187 1.55 -29.94 10.97
CA PHE A 187 1.24 -31.37 10.96
C PHE A 187 0.91 -31.74 9.51
N TYR A 188 1.91 -31.57 8.63
CA TYR A 188 1.75 -31.88 7.23
C TYR A 188 3.14 -31.98 6.61
N ASN A 189 3.22 -32.65 5.46
CA ASN A 189 4.47 -32.84 4.74
C ASN A 189 5.46 -33.68 5.56
N ASN A 190 4.95 -34.42 6.56
CA ASN A 190 5.76 -35.28 7.39
C ASN A 190 4.89 -36.44 7.88
N TYR A 191 5.54 -37.38 8.61
CA TYR A 191 4.91 -38.62 9.02
C TYR A 191 3.85 -38.39 10.09
N CYS A 192 3.88 -37.25 10.79
CA CYS A 192 3.10 -37.08 12.01
C CYS A 192 1.87 -36.23 11.74
N SER A 193 1.37 -36.32 10.50
CA SER A 193 0.12 -35.69 10.13
C SER A 193 -1.05 -36.26 10.93
N LEU A 194 -2.23 -35.66 10.76
CA LEU A 194 -3.41 -36.10 11.48
C LEU A 194 -3.96 -37.41 10.90
N SER A 195 -3.59 -37.73 9.66
CA SER A 195 -4.12 -38.90 8.97
C SER A 195 -3.19 -40.12 9.05
N GLY A 196 -1.89 -39.92 9.35
CA GLY A 196 -0.89 -40.96 9.21
C GLY A 196 -0.98 -42.09 10.25
N GLY A 197 -1.45 -41.78 11.45
CA GLY A 197 -1.53 -42.76 12.53
C GLY A 197 -0.42 -42.52 13.56
N SER A 198 0.27 -41.38 13.44
CA SER A 198 1.42 -41.06 14.28
C SER A 198 1.38 -39.59 14.74
N PHE A 199 0.17 -39.05 14.89
CA PHE A 199 -0.06 -37.68 15.31
C PHE A 199 0.50 -37.45 16.71
N ASN A 200 1.30 -36.39 16.88
CA ASN A 200 2.19 -36.30 18.02
C ASN A 200 1.98 -34.98 18.76
N PHE A 201 0.82 -34.36 18.63
CA PHE A 201 0.54 -33.14 19.38
C PHE A 201 0.47 -33.43 20.88
N ALA A 202 -0.22 -34.52 21.24
CA ALA A 202 -0.55 -34.78 22.63
C ALA A 202 0.61 -35.50 23.32
N THR A 203 1.67 -35.86 22.58
CA THR A 203 2.81 -36.53 23.17
C THR A 203 4.02 -35.60 23.18
N ASP A 204 4.67 -35.42 22.05
CA ASP A 204 5.92 -34.66 21.98
C ASP A 204 5.71 -33.18 22.28
N TRP A 205 4.73 -32.60 21.61
CA TRP A 205 4.56 -31.17 21.69
C TRP A 205 3.93 -30.75 23.01
N LYS A 206 3.03 -31.55 23.56
CA LYS A 206 2.48 -31.26 24.87
C LYS A 206 3.61 -31.30 25.90
N ASN A 207 4.50 -32.29 25.74
CA ASN A 207 5.70 -32.40 26.55
C ASN A 207 6.58 -31.16 26.40
N TYR A 208 6.74 -30.71 25.14
CA TYR A 208 7.48 -29.48 24.85
C TYR A 208 6.97 -28.33 25.70
N ALA A 209 5.64 -28.12 25.67
CA ALA A 209 5.03 -26.97 26.32
C ALA A 209 5.19 -27.05 27.84
N ARG A 210 5.11 -28.27 28.39
CA ARG A 210 5.06 -28.45 29.83
C ARG A 210 6.45 -28.45 30.47
N THR A 211 7.49 -28.91 29.78
CA THR A 211 8.76 -29.10 30.47
C THR A 211 9.94 -28.45 29.77
N VAL A 212 9.74 -27.87 28.58
CA VAL A 212 10.87 -27.40 27.77
C VAL A 212 10.73 -25.91 27.49
N SER A 213 9.56 -25.49 27.01
CA SER A 213 9.35 -24.13 26.60
C SER A 213 9.70 -23.16 27.75
N PRO A 214 10.69 -22.25 27.58
CA PRO A 214 10.90 -21.17 28.55
C PRO A 214 9.58 -20.51 28.97
N ASN A 215 8.76 -20.10 28.01
CA ASN A 215 7.43 -19.56 28.30
C ASN A 215 6.46 -20.72 28.55
N LYS A 216 6.00 -20.87 29.80
CA LYS A 216 5.09 -21.94 30.19
C LYS A 216 3.68 -21.66 29.65
N ASN A 217 3.39 -20.42 29.25
CA ASN A 217 2.07 -20.08 28.71
C ASN A 217 2.04 -20.16 27.18
N VAL A 218 3.04 -20.81 26.60
CA VAL A 218 3.11 -20.88 25.14
C VAL A 218 1.85 -21.53 24.60
N LEU A 219 1.31 -21.00 23.51
CA LEU A 219 0.15 -21.60 22.88
C LEU A 219 0.63 -22.41 21.69
N LEU A 220 0.22 -23.69 21.65
CA LEU A 220 0.52 -24.59 20.55
C LEU A 220 -0.69 -24.63 19.63
N TYR A 221 -0.48 -24.42 18.33
CA TYR A 221 -1.55 -24.47 17.35
C TYR A 221 -1.33 -25.71 16.49
N ILE A 222 -2.43 -26.34 16.09
CA ILE A 222 -2.37 -27.45 15.16
C ILE A 222 -2.39 -26.88 13.74
N GLY A 223 -1.22 -26.90 13.09
CA GLY A 223 -1.06 -26.38 11.75
C GLY A 223 -1.53 -27.39 10.73
N LEU A 224 -2.51 -26.96 9.91
CA LEU A 224 -3.16 -27.81 8.93
C LEU A 224 -3.12 -27.16 7.54
N PRO A 225 -3.07 -27.98 6.49
CA PRO A 225 -3.33 -27.51 5.12
C PRO A 225 -4.77 -27.04 4.95
N GLY A 226 -4.94 -25.91 4.24
CA GLY A 226 -6.23 -25.30 4.01
C GLY A 226 -7.03 -26.06 2.95
N ALA A 227 -6.34 -26.84 2.10
CA ALA A 227 -6.95 -27.55 0.99
C ALA A 227 -6.01 -28.67 0.55
N PRO A 228 -6.48 -29.70 -0.16
CA PRO A 228 -5.56 -30.75 -0.64
C PRO A 228 -4.35 -30.22 -1.43
N ARG A 229 -4.50 -29.06 -2.07
CA ARG A 229 -3.49 -28.51 -2.95
C ARG A 229 -2.42 -27.71 -2.21
N SER A 230 -2.50 -27.62 -0.87
CA SER A 230 -1.63 -26.75 -0.10
C SER A 230 -0.48 -27.51 0.54
N ALA A 231 -0.37 -28.83 0.31
CA ALA A 231 0.76 -29.61 0.79
C ALA A 231 0.89 -30.85 -0.07
N GLY A 232 2.05 -31.52 0.00
CA GLY A 232 2.20 -32.85 -0.58
C GLY A 232 1.33 -33.89 0.12
N LEU A 233 1.24 -33.85 1.46
CA LEU A 233 0.44 -34.79 2.23
C LEU A 233 0.04 -34.11 3.51
N GLY A 234 -1.09 -34.51 4.10
CA GLY A 234 -1.45 -34.07 5.44
C GLY A 234 -2.84 -33.47 5.55
N TYR A 235 -3.47 -33.15 4.41
CA TYR A 235 -4.78 -32.53 4.40
C TYR A 235 -5.80 -33.50 4.97
N VAL A 236 -6.65 -33.02 5.88
CA VAL A 236 -7.69 -33.81 6.51
C VAL A 236 -8.99 -33.04 6.48
N ASP A 237 -10.06 -33.76 6.14
CA ASP A 237 -11.42 -33.31 6.29
C ASP A 237 -11.70 -32.98 7.75
N ILE A 238 -12.76 -32.22 8.02
CA ILE A 238 -13.12 -31.87 9.38
C ILE A 238 -13.46 -33.14 10.18
N GLU A 239 -14.10 -34.14 9.58
CA GLU A 239 -14.44 -35.36 10.30
CA GLU A 239 -14.45 -35.35 10.30
C GLU A 239 -13.19 -36.00 10.88
N GLN A 240 -12.09 -35.98 10.12
CA GLN A 240 -10.83 -36.57 10.56
C GLN A 240 -10.20 -35.74 11.66
N VAL A 241 -10.33 -34.41 11.58
CA VAL A 241 -9.83 -33.54 12.61
C VAL A 241 -10.51 -33.89 13.92
N LYS A 242 -11.86 -33.98 13.88
CA LYS A 242 -12.67 -34.29 15.05
C LYS A 242 -12.28 -35.64 15.64
N ARG A 243 -11.94 -36.63 14.82
CA ARG A 243 -11.61 -37.94 15.35
C ARG A 243 -10.33 -37.90 16.19
N VAL A 244 -9.44 -36.94 15.93
CA VAL A 244 -8.11 -37.00 16.48
C VAL A 244 -7.83 -35.80 17.38
N VAL A 245 -8.71 -34.80 17.32
CA VAL A 245 -8.55 -33.63 18.16
C VAL A 245 -9.78 -33.53 19.05
N GLY A 246 -9.72 -34.19 20.22
CA GLY A 246 -10.86 -34.34 21.10
C GLY A 246 -10.85 -33.33 22.25
N LYS A 247 -11.68 -33.61 23.25
CA LYS A 247 -11.85 -32.68 24.36
C LYS A 247 -10.53 -32.50 25.10
N ASP A 248 -9.77 -33.59 25.24
CA ASP A 248 -8.47 -33.55 25.90
CA ASP A 248 -8.48 -33.54 25.91
C ASP A 248 -7.62 -32.42 25.34
N ILE A 249 -7.55 -32.31 24.00
CA ILE A 249 -6.75 -31.29 23.35
C ILE A 249 -7.45 -29.94 23.42
N LEU A 250 -8.74 -29.90 23.06
CA LEU A 250 -9.47 -28.65 22.93
C LEU A 250 -9.47 -27.84 24.22
N ASP A 251 -9.36 -28.55 25.36
CA ASP A 251 -9.45 -27.95 26.68
C ASP A 251 -8.08 -27.84 27.35
N ASP A 252 -7.01 -28.12 26.60
CA ASP A 252 -5.67 -27.97 27.14
C ASP A 252 -5.39 -26.46 27.30
N PRO A 253 -4.83 -26.03 28.46
CA PRO A 253 -4.40 -24.64 28.64
C PRO A 253 -3.47 -24.11 27.55
N ASN A 254 -2.60 -25.00 27.01
CA ASN A 254 -1.58 -24.62 26.04
C ASN A 254 -2.06 -24.85 24.62
N PHE A 255 -3.35 -25.16 24.40
CA PHE A 255 -3.86 -25.32 23.05
C PHE A 255 -4.35 -23.97 22.54
N GLY A 256 -3.72 -23.50 21.45
CA GLY A 256 -4.03 -22.19 20.88
C GLY A 256 -5.18 -22.23 19.88
N GLY A 257 -5.38 -23.36 19.20
CA GLY A 257 -6.29 -23.44 18.09
C GLY A 257 -5.61 -24.05 16.85
N PHE A 258 -6.01 -23.55 15.67
CA PHE A 258 -5.56 -24.10 14.40
C PHE A 258 -4.86 -23.04 13.58
N MET A 259 -3.72 -23.45 12.99
CA MET A 259 -3.08 -22.64 11.98
C MET A 259 -3.43 -23.22 10.62
N LEU A 260 -3.49 -22.36 9.60
CA LEU A 260 -3.83 -22.81 8.26
C LEU A 260 -2.85 -22.25 7.22
N TRP A 261 -2.34 -23.17 6.41
CA TRP A 261 -1.68 -22.81 5.17
C TRP A 261 -2.61 -23.06 3.98
N ASP A 262 -3.26 -22.05 3.41
CA ASP A 262 -3.19 -20.66 3.83
C ASP A 262 -4.59 -20.07 3.71
N ALA A 263 -4.68 -18.74 3.71
CA ALA A 263 -5.97 -18.05 3.73
C ALA A 263 -6.76 -18.31 2.46
N SER A 264 -6.13 -18.13 1.29
CA SER A 264 -6.83 -18.28 0.02
C SER A 264 -7.34 -19.70 -0.13
N SER A 265 -6.52 -20.63 0.33
CA SER A 265 -6.76 -22.05 0.22
C SER A 265 -7.92 -22.47 1.12
N ALA A 266 -7.85 -22.07 2.41
CA ALA A 266 -8.87 -22.38 3.38
C ALA A 266 -10.21 -21.77 3.00
N GLU A 267 -10.20 -20.60 2.38
CA GLU A 267 -11.41 -19.90 2.06
C GLU A 267 -12.14 -20.57 0.88
N ALA A 268 -11.38 -21.00 -0.14
CA ALA A 268 -11.96 -21.54 -1.36
C ALA A 268 -12.46 -22.95 -1.13
N ASN A 269 -11.85 -23.68 -0.18
CA ASN A 269 -12.21 -25.06 0.12
C ASN A 269 -13.49 -25.10 0.94
N LYS A 270 -14.65 -25.27 0.27
CA LYS A 270 -15.95 -25.23 0.92
C LYS A 270 -16.58 -26.62 0.96
N ASP A 271 -17.30 -26.91 2.05
CA ASP A 271 -18.14 -28.10 2.16
C ASP A 271 -19.44 -27.91 1.37
N ALA A 272 -20.30 -28.93 1.37
CA ALA A 272 -21.57 -28.93 0.65
C ALA A 272 -22.50 -27.82 1.14
N HIS A 273 -22.40 -27.41 2.42
CA HIS A 273 -23.17 -26.29 2.94
C HIS A 273 -22.56 -24.93 2.58
N GLY A 274 -21.48 -24.91 1.78
CA GLY A 274 -20.84 -23.66 1.39
C GLY A 274 -20.01 -23.02 2.52
N VAL A 275 -19.72 -23.80 3.56
CA VAL A 275 -18.89 -23.34 4.66
C VAL A 275 -17.43 -23.68 4.34
N SER A 276 -16.59 -22.66 4.52
CA SER A 276 -15.17 -22.70 4.19
C SER A 276 -14.41 -23.36 5.34
N TYR A 277 -13.21 -23.83 5.05
CA TYR A 277 -12.48 -24.74 5.94
C TYR A 277 -12.09 -24.03 7.24
N ASP A 278 -11.73 -22.76 7.13
CA ASP A 278 -11.38 -21.96 8.29
C ASP A 278 -12.58 -21.85 9.23
N GLN A 279 -13.77 -21.65 8.65
CA GLN A 279 -14.99 -21.54 9.43
C GLN A 279 -15.36 -22.89 10.04
N GLN A 280 -15.17 -23.99 9.30
CA GLN A 280 -15.48 -25.28 9.89
C GLN A 280 -14.70 -25.45 11.18
N LEU A 281 -13.40 -25.16 11.12
CA LEU A 281 -12.53 -25.30 12.27
C LEU A 281 -12.97 -24.39 13.42
N LYS A 282 -13.31 -23.14 13.10
CA LYS A 282 -13.74 -22.20 14.12
C LYS A 282 -15.01 -22.71 14.78
N ASN A 283 -15.99 -23.13 13.94
CA ASN A 283 -17.25 -23.64 14.43
C ASN A 283 -17.01 -24.85 15.33
N TYR A 284 -16.06 -25.70 14.93
CA TYR A 284 -15.69 -26.84 15.74
C TYR A 284 -15.16 -26.38 17.11
N MET A 285 -14.28 -25.38 17.15
CA MET A 285 -13.69 -24.97 18.40
C MET A 285 -14.74 -24.35 19.32
N ASN A 286 -15.69 -23.62 18.75
CA ASN A 286 -16.68 -22.90 19.53
C ASN A 286 -17.74 -23.87 20.06
N ASN A 287 -18.13 -24.86 19.24
CA ASN A 287 -19.16 -25.81 19.64
C ASN A 287 -18.67 -27.22 19.36
N PRO A 288 -17.65 -27.70 20.11
CA PRO A 288 -17.02 -28.98 19.79
C PRO A 288 -18.01 -30.11 19.52
N GLY A 289 -19.20 -30.01 20.10
CA GLY A 289 -20.09 -31.16 20.15
C GLY A 289 -19.68 -31.94 21.39
N VAL A 290 -19.67 -33.27 21.31
CA VAL A 290 -19.42 -34.08 22.50
C VAL A 290 -18.20 -34.96 22.26
N ASP A 291 -18.28 -35.87 21.28
CA ASP A 291 -17.10 -36.58 20.79
C ASP A 291 -16.45 -35.73 19.68
N GLN B 1 -2.92 30.48 -18.59
CA GLN B 1 -4.06 30.88 -17.72
C GLN B 1 -3.66 30.64 -16.26
N PRO B 2 -3.36 29.39 -15.79
CA PRO B 2 -2.99 29.19 -14.40
C PRO B 2 -1.63 29.80 -14.06
N PRO B 3 -1.33 30.02 -12.77
CA PRO B 3 -0.10 30.72 -12.39
C PRO B 3 1.15 29.92 -12.69
N LYS B 4 2.12 30.55 -13.37
CA LYS B 4 3.44 29.98 -13.57
C LYS B 4 4.10 29.74 -12.22
N GLY B 5 5.04 28.78 -12.16
CA GLY B 5 5.69 28.44 -10.90
C GLY B 5 5.64 26.93 -10.66
N VAL B 6 5.33 26.55 -9.43
CA VAL B 6 5.34 25.15 -9.05
C VAL B 6 3.94 24.70 -8.66
N ALA B 7 3.53 23.58 -9.26
CA ALA B 7 2.25 22.94 -8.98
C ALA B 7 2.49 21.63 -8.26
N VAL B 8 1.75 21.38 -7.17
CA VAL B 8 1.93 20.14 -6.42
C VAL B 8 0.61 19.39 -6.30
N TYR B 9 0.66 18.06 -6.47
CA TYR B 9 -0.45 17.20 -6.10
C TYR B 9 -0.46 17.04 -4.58
N TRP B 10 -1.65 16.86 -4.04
CA TRP B 10 -1.80 16.60 -2.62
C TRP B 10 -2.97 15.67 -2.40
N GLY B 11 -2.80 14.74 -1.45
CA GLY B 11 -3.91 13.89 -1.04
C GLY B 11 -3.50 12.45 -0.83
N GLN B 12 -2.54 11.96 -1.62
CA GLN B 12 -2.23 10.54 -1.65
C GLN B 12 -1.00 10.19 -0.82
N ASN B 13 -0.31 11.19 -0.24
CA ASN B 13 0.67 10.93 0.79
C ASN B 13 1.83 10.07 0.27
N SER B 14 2.47 10.50 -0.83
CA SER B 14 3.64 9.81 -1.36
C SER B 14 4.78 9.86 -0.35
N GLY B 15 4.90 10.98 0.36
CA GLY B 15 5.95 11.15 1.35
C GLY B 15 5.83 10.16 2.49
N GLY B 16 4.62 9.95 3.01
CA GLY B 16 4.41 9.19 4.23
C GLY B 16 3.94 10.07 5.39
N GLY B 17 4.40 11.34 5.43
CA GLY B 17 4.10 12.23 6.55
C GLY B 17 3.15 13.36 6.16
N GLN B 18 2.16 13.05 5.31
CA GLN B 18 1.25 14.06 4.82
C GLN B 18 0.41 14.59 5.99
N VAL B 19 0.23 15.91 5.99
CA VAL B 19 -0.60 16.62 6.94
C VAL B 19 -1.59 17.48 6.13
N ARG B 20 -2.32 18.38 6.80
CA ARG B 20 -3.46 19.03 6.16
C ARG B 20 -3.03 19.90 4.98
N LEU B 21 -3.98 20.11 4.07
CA LEU B 21 -3.75 20.87 2.86
C LEU B 21 -3.27 22.29 3.18
N ARG B 22 -3.76 22.88 4.27
CA ARG B 22 -3.40 24.26 4.60
C ARG B 22 -1.87 24.43 4.71
N HIS B 23 -1.17 23.44 5.25
CA HIS B 23 0.27 23.54 5.45
C HIS B 23 0.97 23.75 4.12
N THR B 24 0.48 23.09 3.07
CA THR B 24 1.07 23.20 1.75
C THR B 24 0.86 24.61 1.20
N CYS B 25 -0.31 25.20 1.46
CA CYS B 25 -0.63 26.52 0.91
C CYS B 25 0.10 27.63 1.64
N ASP B 26 0.75 27.31 2.76
CA ASP B 26 1.58 28.26 3.46
C ASP B 26 2.94 28.38 2.80
N ARG B 27 3.26 27.53 1.82
CA ARG B 27 4.60 27.51 1.27
C ARG B 27 4.67 28.42 0.05
N ASP B 28 5.70 29.27 0.02
CA ASP B 28 5.87 30.25 -1.04
C ASP B 28 6.35 29.58 -2.32
N ALA B 29 6.91 28.38 -2.16
CA ALA B 29 7.35 27.56 -3.27
C ALA B 29 6.17 27.10 -4.11
N VAL B 30 4.97 27.03 -3.52
CA VAL B 30 3.83 26.44 -4.20
C VAL B 30 2.85 27.50 -4.67
N ASP B 31 2.38 27.33 -5.90
CA ASP B 31 1.45 28.25 -6.53
C ASP B 31 0.11 27.58 -6.83
N THR B 32 0.13 26.28 -7.17
CA THR B 32 -1.07 25.52 -7.51
C THR B 32 -1.08 24.23 -6.68
N VAL B 33 -2.25 23.88 -6.12
CA VAL B 33 -2.39 22.60 -5.44
C VAL B 33 -3.45 21.80 -6.18
N ILE B 34 -3.19 20.48 -6.35
CA ILE B 34 -4.09 19.60 -7.07
C ILE B 34 -4.52 18.44 -6.17
N LEU B 35 -5.81 18.42 -5.83
CA LEU B 35 -6.34 17.46 -4.87
C LEU B 35 -6.47 16.09 -5.56
N SER B 36 -5.80 15.10 -4.97
CA SER B 36 -5.72 13.73 -5.47
C SER B 36 -6.40 12.78 -4.49
N PHE B 37 -7.47 12.08 -4.88
CA PHE B 37 -8.19 12.16 -6.15
C PHE B 37 -9.67 11.83 -5.98
N LEU B 38 -10.46 12.20 -7.00
CA LEU B 38 -11.68 11.47 -7.32
C LEU B 38 -11.30 10.19 -8.07
N THR B 39 -11.20 9.07 -7.32
CA THR B 39 -10.64 7.83 -7.84
C THR B 39 -11.64 7.12 -8.73
N SER B 40 -12.94 7.42 -8.59
CA SER B 40 -13.93 6.75 -9.42
C SER B 40 -15.03 7.71 -9.83
N PHE B 41 -15.59 7.48 -11.02
CA PHE B 41 -16.66 8.26 -11.59
C PHE B 41 -17.17 7.57 -12.86
N PRO B 42 -18.44 7.73 -13.28
CA PRO B 42 -19.41 8.62 -12.62
C PRO B 42 -19.99 8.15 -11.29
N LYS B 43 -19.82 6.88 -10.94
CA LYS B 43 -20.08 6.43 -9.58
C LYS B 43 -18.92 6.92 -8.71
N MET B 44 -19.16 8.01 -7.99
CA MET B 44 -18.09 8.81 -7.41
C MET B 44 -17.53 8.14 -6.17
N VAL B 45 -16.19 8.10 -6.09
CA VAL B 45 -15.47 7.74 -4.88
C VAL B 45 -14.33 8.74 -4.72
N LEU B 46 -14.17 9.31 -3.53
CA LEU B 46 -13.00 10.13 -3.21
C LEU B 46 -12.06 9.33 -2.31
N ASN B 47 -10.79 9.77 -2.34
CA ASN B 47 -9.73 9.21 -1.56
C ASN B 47 -8.65 10.26 -1.34
N PHE B 48 -8.55 10.75 -0.10
CA PHE B 48 -7.44 11.59 0.33
C PHE B 48 -6.65 10.85 1.41
N SER B 49 -6.52 9.53 1.24
CA SER B 49 -5.48 8.83 1.95
C SER B 49 -5.74 8.96 3.45
N ASN B 50 -4.89 9.69 4.15
CA ASN B 50 -4.98 9.76 5.60
C ASN B 50 -5.67 11.02 6.10
N MET B 51 -6.49 11.71 5.29
CA MET B 51 -6.92 13.06 5.64
C MET B 51 -8.43 13.31 5.57
N CYS B 52 -9.25 12.29 5.29
CA CYS B 52 -10.69 12.47 5.34
C CYS B 52 -11.31 11.09 5.49
N TRP B 53 -12.02 10.89 6.60
CA TRP B 53 -12.57 9.58 6.93
C TRP B 53 -14.09 9.62 7.04
N GLN B 54 -14.67 10.81 7.23
CA GLN B 54 -16.11 10.95 7.37
C GLN B 54 -16.81 10.84 6.02
N THR B 55 -18.03 10.28 6.01
CA THR B 55 -18.77 10.10 4.77
C THR B 55 -20.20 10.60 4.92
N PHE B 56 -20.84 10.83 3.77
CA PHE B 56 -22.28 10.97 3.67
C PHE B 56 -22.93 9.58 3.77
N PRO B 57 -24.27 9.51 3.95
CA PRO B 57 -25.01 8.25 3.95
C PRO B 57 -24.69 7.25 2.84
N ASP B 58 -24.46 7.76 1.62
CA ASP B 58 -24.20 6.90 0.46
C ASP B 58 -22.71 6.55 0.32
N GLY B 59 -21.86 6.97 1.26
CA GLY B 59 -20.47 6.55 1.28
C GLY B 59 -19.51 7.58 0.67
N LEU B 60 -20.02 8.66 0.06
CA LEU B 60 -19.16 9.72 -0.46
C LEU B 60 -18.45 10.45 0.69
N LEU B 61 -17.15 10.71 0.52
CA LEU B 61 -16.40 11.40 1.55
C LEU B 61 -17.02 12.79 1.78
N HIS B 62 -17.02 13.22 3.04
CA HIS B 62 -17.41 14.55 3.46
C HIS B 62 -16.25 15.13 4.27
N CYS B 63 -15.63 16.19 3.71
CA CYS B 63 -14.29 16.59 4.09
C CYS B 63 -14.27 18.06 4.53
N LYS B 64 -14.69 18.28 5.78
CA LYS B 64 -14.85 19.62 6.32
C LYS B 64 -13.49 20.32 6.43
N ASP B 65 -12.45 19.60 6.85
CA ASP B 65 -11.14 20.20 7.07
C ASP B 65 -10.51 20.57 5.71
N ILE B 66 -10.77 19.76 4.68
CA ILE B 66 -10.25 20.09 3.36
C ILE B 66 -11.01 21.30 2.82
N ALA B 67 -12.34 21.33 3.00
CA ALA B 67 -13.15 22.46 2.57
C ALA B 67 -12.58 23.75 3.11
N ASP B 68 -12.21 23.76 4.40
CA ASP B 68 -11.68 24.95 5.03
C ASP B 68 -10.34 25.34 4.41
N ASP B 69 -9.52 24.34 4.07
CA ASP B 69 -8.20 24.54 3.53
C ASP B 69 -8.26 25.02 2.08
N ILE B 70 -9.26 24.56 1.33
CA ILE B 70 -9.48 25.07 -0.01
C ILE B 70 -9.72 26.58 0.08
N LYS B 71 -10.67 26.99 0.94
CA LYS B 71 -11.03 28.40 1.05
C LYS B 71 -9.81 29.21 1.51
N TYR B 72 -9.02 28.60 2.40
CA TYR B 72 -7.86 29.27 2.94
C TYR B 72 -6.76 29.39 1.89
N CYS B 73 -6.54 28.32 1.10
CA CYS B 73 -5.57 28.35 0.01
C CYS B 73 -5.94 29.46 -0.98
N GLN B 74 -7.22 29.57 -1.30
CA GLN B 74 -7.68 30.54 -2.29
C GLN B 74 -7.43 31.95 -1.77
N LEU B 75 -7.62 32.11 -0.46
CA LEU B 75 -7.42 33.39 0.20
C LEU B 75 -5.94 33.76 0.15
N LYS B 76 -5.05 32.78 0.22
CA LYS B 76 -3.62 33.01 0.14
C LYS B 76 -3.13 33.09 -1.32
N GLY B 77 -4.05 33.18 -2.29
CA GLY B 77 -3.69 33.39 -3.68
C GLY B 77 -3.26 32.11 -4.41
N LYS B 78 -3.55 30.94 -3.85
CA LYS B 78 -3.22 29.68 -4.50
C LYS B 78 -4.43 29.21 -5.30
N THR B 79 -4.14 28.50 -6.40
CA THR B 79 -5.15 27.85 -7.22
C THR B 79 -5.33 26.42 -6.69
N VAL B 80 -6.59 25.98 -6.58
CA VAL B 80 -6.89 24.65 -6.12
C VAL B 80 -7.68 23.93 -7.21
N LEU B 81 -7.14 22.79 -7.66
CA LEU B 81 -7.80 21.96 -8.64
C LEU B 81 -8.17 20.65 -7.98
N LEU B 82 -9.15 19.95 -8.57
CA LEU B 82 -9.50 18.59 -8.18
C LEU B 82 -9.17 17.64 -9.33
N SER B 83 -8.45 16.57 -9.01
CA SER B 83 -7.92 15.68 -10.02
C SER B 83 -8.73 14.39 -10.03
N LEU B 84 -8.91 13.86 -11.25
CA LEU B 84 -9.76 12.71 -11.51
C LEU B 84 -8.90 11.56 -12.00
N GLY B 85 -9.14 10.37 -11.46
CA GLY B 85 -8.48 9.16 -11.92
C GLY B 85 -7.37 8.76 -10.97
N GLY B 86 -6.13 8.90 -11.46
CA GLY B 86 -5.00 8.30 -10.78
C GLY B 86 -4.75 6.89 -11.27
N ALA B 87 -3.57 6.37 -10.88
CA ALA B 87 -3.09 5.07 -11.29
C ALA B 87 -4.00 3.98 -10.74
N SER B 88 -4.65 4.24 -9.60
CA SER B 88 -5.49 3.24 -8.95
C SER B 88 -6.97 3.46 -9.26
N GLY B 89 -7.30 4.37 -10.19
CA GLY B 89 -8.68 4.76 -10.42
C GLY B 89 -9.49 3.64 -11.08
N THR B 90 -10.78 3.55 -10.73
CA THR B 90 -11.77 2.75 -11.45
C THR B 90 -12.83 3.69 -11.99
N TYR B 91 -12.82 3.95 -13.30
CA TYR B 91 -13.65 5.00 -13.88
C TYR B 91 -13.98 4.63 -15.31
N GLY B 92 -15.10 5.15 -15.83
CA GLY B 92 -15.42 5.02 -17.23
C GLY B 92 -16.83 5.54 -17.52
N PHE B 93 -17.03 6.03 -18.74
CA PHE B 93 -18.36 6.43 -19.17
C PHE B 93 -18.88 5.41 -20.18
N SER B 94 -20.21 5.26 -20.24
CA SER B 94 -20.83 4.34 -21.18
C SER B 94 -21.15 5.04 -22.50
N SER B 95 -21.19 6.39 -22.50
CA SER B 95 -21.47 7.14 -23.71
C SER B 95 -21.07 8.60 -23.54
N ASP B 96 -21.11 9.35 -24.65
CA ASP B 96 -20.91 10.78 -24.62
C ASP B 96 -21.99 11.46 -23.78
N ASP B 97 -23.21 10.94 -23.83
CA ASP B 97 -24.33 11.52 -23.11
C ASP B 97 -24.11 11.39 -21.61
N GLU B 98 -23.72 10.19 -21.16
CA GLU B 98 -23.39 9.97 -19.77
C GLU B 98 -22.28 10.95 -19.36
N ALA B 99 -21.32 11.16 -20.26
CA ALA B 99 -20.17 12.02 -19.99
C ALA B 99 -20.61 13.48 -19.81
N ARG B 100 -21.61 13.91 -20.61
CA ARG B 100 -22.10 15.28 -20.53
C ARG B 100 -22.91 15.50 -19.26
N GLN B 101 -23.73 14.52 -18.88
CA GLN B 101 -24.47 14.61 -17.64
C GLN B 101 -23.52 14.70 -16.45
N PHE B 102 -22.43 13.92 -16.47
CA PHE B 102 -21.54 13.86 -15.32
C PHE B 102 -20.78 15.19 -15.17
N ALA B 103 -20.55 15.91 -16.27
CA ALA B 103 -20.02 17.26 -16.18
C ALA B 103 -20.92 18.12 -15.30
N GLN B 104 -22.24 18.03 -15.54
CA GLN B 104 -23.22 18.73 -14.73
C GLN B 104 -23.12 18.29 -13.26
N THR B 105 -22.99 16.97 -13.04
CA THR B 105 -22.81 16.45 -11.69
C THR B 105 -21.61 17.15 -11.04
N MET B 106 -20.52 17.34 -11.80
CA MET B 106 -19.29 17.94 -11.28
C MET B 106 -19.53 19.41 -10.94
N TYR B 107 -20.19 20.12 -11.84
CA TYR B 107 -20.53 21.51 -11.63
C TYR B 107 -21.31 21.67 -10.32
N ASP B 108 -22.21 20.73 -10.04
CA ASP B 108 -23.11 20.83 -8.90
C ASP B 108 -22.46 20.33 -7.62
N THR B 109 -21.57 19.33 -7.73
CA THR B 109 -21.01 18.63 -6.58
C THR B 109 -19.78 19.37 -6.06
N PHE B 110 -18.95 19.84 -7.00
CA PHE B 110 -17.65 20.43 -6.68
C PHE B 110 -17.57 21.87 -7.14
N GLY B 111 -18.27 22.22 -8.22
CA GLY B 111 -18.20 23.55 -8.78
C GLY B 111 -19.19 24.51 -8.11
N PRO B 112 -19.64 25.57 -8.82
CA PRO B 112 -20.52 26.60 -8.24
C PRO B 112 -21.99 26.24 -8.05
N GLY B 113 -22.42 25.10 -8.61
CA GLY B 113 -23.80 24.65 -8.49
C GLY B 113 -24.14 24.15 -7.07
N HIS B 114 -25.29 23.47 -6.97
CA HIS B 114 -25.83 23.03 -5.69
C HIS B 114 -26.33 21.59 -5.82
N THR B 115 -26.32 20.85 -4.71
CA THR B 115 -26.68 19.45 -4.70
C THR B 115 -26.66 18.99 -3.24
N ALA B 116 -27.29 17.86 -2.93
CA ALA B 116 -27.49 17.44 -1.54
C ALA B 116 -26.17 17.09 -0.87
N GLU B 117 -25.26 16.46 -1.62
CA GLU B 117 -24.01 15.98 -1.06
C GLU B 117 -22.84 16.69 -1.74
N ARG B 118 -22.30 17.71 -1.08
CA ARG B 118 -21.10 18.39 -1.54
C ARG B 118 -19.93 18.05 -0.61
N PRO B 119 -18.93 17.27 -1.04
CA PRO B 119 -17.86 16.87 -0.15
C PRO B 119 -17.06 18.01 0.48
N PHE B 120 -17.00 19.13 -0.22
CA PHE B 120 -16.29 20.29 0.31
C PHE B 120 -17.26 21.43 0.59
N ASP B 121 -18.53 21.10 0.89
CA ASP B 121 -19.52 22.08 1.34
C ASP B 121 -19.51 23.29 0.38
N ASP B 122 -19.34 24.51 0.90
CA ASP B 122 -19.50 25.69 0.07
C ASP B 122 -18.17 26.08 -0.58
N ALA B 123 -17.08 25.36 -0.32
CA ALA B 123 -15.84 25.59 -1.07
C ALA B 123 -16.07 25.27 -2.54
N VAL B 124 -15.46 26.07 -3.42
CA VAL B 124 -15.60 25.90 -4.86
C VAL B 124 -14.20 25.80 -5.45
N VAL B 125 -13.91 24.69 -6.13
CA VAL B 125 -12.59 24.48 -6.68
C VAL B 125 -12.45 25.35 -7.94
N ASP B 126 -11.20 25.63 -8.27
CA ASP B 126 -10.89 26.55 -9.35
C ASP B 126 -10.89 25.82 -10.69
N GLY B 127 -11.02 24.48 -10.67
CA GLY B 127 -10.87 23.72 -11.90
C GLY B 127 -10.63 22.23 -11.65
N TYR B 128 -10.53 21.47 -12.75
CA TYR B 128 -10.33 20.03 -12.72
C TYR B 128 -9.06 19.65 -13.48
N ASP B 129 -8.46 18.54 -13.03
CA ASP B 129 -7.29 17.95 -13.66
C ASP B 129 -7.60 16.52 -14.11
N PHE B 130 -7.42 16.25 -15.40
CA PHE B 130 -7.61 14.90 -15.91
C PHE B 130 -6.36 14.09 -15.63
N ASP B 131 -6.46 13.11 -14.74
CA ASP B 131 -5.36 12.19 -14.52
C ASP B 131 -5.78 10.74 -14.75
N MET B 132 -6.56 10.50 -15.80
CA MET B 132 -6.83 9.15 -16.27
C MET B 132 -5.59 8.62 -16.98
N GLU B 133 -5.14 7.43 -16.56
CA GLU B 133 -3.96 6.77 -17.10
C GLU B 133 -4.38 5.70 -18.12
N THR B 134 -5.69 5.45 -18.30
CA THR B 134 -6.18 4.47 -19.27
C THR B 134 -7.16 5.14 -20.25
N SER B 135 -7.29 4.53 -21.44
CA SER B 135 -8.22 4.98 -22.47
C SER B 135 -9.64 4.69 -22.04
N GLY B 136 -10.56 5.57 -22.42
CA GLY B 136 -11.98 5.40 -22.14
C GLY B 136 -12.84 6.18 -23.12
N VAL B 137 -14.16 6.04 -22.96
CA VAL B 137 -15.15 6.66 -23.81
C VAL B 137 -15.52 8.01 -23.22
N GLY B 138 -15.71 9.00 -24.08
CA GLY B 138 -16.40 10.23 -23.74
C GLY B 138 -15.52 11.26 -23.02
N TYR B 139 -14.21 11.09 -23.05
CA TYR B 139 -13.32 12.03 -22.39
C TYR B 139 -13.44 13.41 -23.05
N VAL B 140 -13.50 13.43 -24.38
CA VAL B 140 -13.57 14.69 -25.10
C VAL B 140 -14.92 15.35 -24.80
N ALA B 141 -15.99 14.56 -24.81
CA ALA B 141 -17.30 15.10 -24.53
C ALA B 141 -17.33 15.65 -23.11
N PHE B 142 -16.67 14.92 -22.19
CA PHE B 142 -16.57 15.33 -20.80
C PHE B 142 -15.86 16.67 -20.68
N ALA B 143 -14.69 16.79 -21.32
CA ALA B 143 -13.88 17.98 -21.17
C ALA B 143 -14.63 19.19 -21.73
N GLN B 144 -15.23 19.02 -22.91
CA GLN B 144 -15.93 20.10 -23.60
C GLN B 144 -17.11 20.60 -22.76
N GLU B 145 -17.87 19.66 -22.18
CA GLU B 145 -19.05 20.02 -21.42
C GLU B 145 -18.65 20.75 -20.15
N LEU B 146 -17.55 20.33 -19.51
CA LEU B 146 -17.02 21.03 -18.34
C LEU B 146 -16.69 22.48 -18.70
N ASN B 147 -16.08 22.69 -19.87
CA ASN B 147 -15.70 24.03 -20.26
C ASN B 147 -16.94 24.89 -20.47
N ARG B 148 -17.92 24.34 -21.21
CA ARG B 148 -19.14 25.07 -21.52
C ARG B 148 -19.83 25.46 -20.22
N LEU B 149 -20.03 24.50 -19.33
CA LEU B 149 -20.79 24.68 -18.10
C LEU B 149 -20.12 25.69 -17.16
N HIS B 150 -18.78 25.80 -17.23
CA HIS B 150 -18.03 26.56 -16.25
C HIS B 150 -17.51 27.87 -16.86
N SER B 151 -18.01 28.22 -18.05
CA SER B 151 -17.46 29.34 -18.82
C SER B 151 -17.95 30.70 -18.32
N HIS B 152 -18.78 30.72 -17.26
CA HIS B 152 -19.27 31.98 -16.71
C HIS B 152 -18.46 32.39 -15.49
N MET B 153 -17.80 31.43 -14.83
CA MET B 153 -16.91 31.71 -13.72
C MET B 153 -15.74 32.57 -14.20
N LYS B 154 -15.12 33.34 -13.29
CA LYS B 154 -13.97 34.15 -13.66
C LYS B 154 -12.72 33.29 -13.80
N LYS B 155 -12.42 32.50 -12.76
CA LYS B 155 -11.27 31.61 -12.79
C LYS B 155 -11.75 30.16 -12.90
N PHE B 156 -11.63 29.60 -14.11
CA PHE B 156 -11.91 28.21 -14.35
C PHE B 156 -10.76 27.59 -15.13
N TYR B 157 -10.24 26.45 -14.67
CA TYR B 157 -9.11 25.81 -15.32
C TYR B 157 -9.43 24.35 -15.62
N LEU B 158 -9.12 23.95 -16.86
CA LEU B 158 -9.16 22.55 -17.19
C LEU B 158 -7.75 22.11 -17.54
N THR B 159 -7.23 21.11 -16.80
CA THR B 159 -5.87 20.63 -17.00
C THR B 159 -5.90 19.12 -17.16
N ALA B 160 -4.75 18.59 -17.60
CA ALA B 160 -4.54 17.16 -17.74
C ALA B 160 -3.09 16.83 -17.44
N ALA B 161 -2.85 15.59 -17.00
CA ALA B 161 -1.54 15.09 -16.65
C ALA B 161 -1.19 13.83 -17.44
N PRO B 162 -0.87 13.97 -18.74
CA PRO B 162 -0.45 12.82 -19.55
C PRO B 162 0.93 12.42 -19.08
N GLN B 163 1.35 11.21 -19.44
CA GLN B 163 2.73 10.82 -19.29
C GLN B 163 3.50 11.34 -20.49
N CYS B 164 4.84 11.33 -20.38
CA CYS B 164 5.66 12.03 -21.35
C CYS B 164 5.57 11.41 -22.75
N PRO B 165 5.41 10.08 -22.95
CA PRO B 165 5.37 9.52 -24.31
C PRO B 165 4.26 10.14 -25.15
N TYR B 166 4.64 10.65 -26.32
CA TYR B 166 3.73 11.43 -27.16
C TYR B 166 3.38 10.63 -28.41
N PRO B 167 2.11 10.57 -28.86
CA PRO B 167 0.96 11.08 -28.11
C PRO B 167 0.60 10.19 -26.92
N ASP B 168 0.00 10.80 -25.89
CA ASP B 168 -0.53 10.05 -24.77
C ASP B 168 -1.80 9.34 -25.22
N ARG B 169 -1.90 8.04 -24.93
CA ARG B 169 -2.96 7.21 -25.46
C ARG B 169 -4.24 7.43 -24.64
N ALA B 170 -4.09 7.67 -23.33
CA ALA B 170 -5.24 7.95 -22.49
C ALA B 170 -5.88 9.31 -22.80
N LEU B 171 -5.06 10.36 -22.96
CA LEU B 171 -5.59 11.71 -22.92
C LEU B 171 -5.30 12.50 -24.19
N GLY B 172 -4.68 11.86 -25.19
CA GLY B 172 -4.30 12.52 -26.41
C GLY B 172 -5.46 13.23 -27.09
N ASP B 173 -6.63 12.57 -27.12
CA ASP B 173 -7.81 13.14 -27.76
C ASP B 173 -8.29 14.40 -27.06
N VAL B 174 -8.43 14.32 -25.73
CA VAL B 174 -8.74 15.50 -24.95
C VAL B 174 -7.75 16.60 -25.33
N LEU B 175 -6.46 16.27 -25.34
CA LEU B 175 -5.40 17.25 -25.49
C LEU B 175 -5.44 17.89 -26.87
N SER B 176 -5.95 17.16 -27.87
CA SER B 176 -5.98 17.68 -29.22
C SER B 176 -7.32 18.32 -29.55
N SER B 177 -8.37 18.06 -28.74
CA SER B 177 -9.73 18.43 -29.11
C SER B 177 -10.33 19.47 -28.17
N ALA B 178 -9.69 19.79 -27.04
CA ALA B 178 -10.34 20.64 -26.06
C ALA B 178 -9.43 21.78 -25.63
N GLN B 179 -10.05 22.82 -25.08
CA GLN B 179 -9.34 24.01 -24.62
C GLN B 179 -8.78 23.72 -23.24
N MET B 180 -7.46 23.54 -23.20
CA MET B 180 -6.76 23.12 -22.00
C MET B 180 -6.02 24.33 -21.45
N SER B 181 -6.19 24.56 -20.14
CA SER B 181 -5.48 25.62 -19.46
C SER B 181 -4.02 25.24 -19.27
N ALA B 182 -3.75 23.98 -18.90
CA ALA B 182 -2.41 23.54 -18.62
C ALA B 182 -2.30 22.02 -18.72
N VAL B 183 -1.07 21.57 -18.99
CA VAL B 183 -0.75 20.18 -19.14
C VAL B 183 0.44 19.86 -18.24
N TYR B 184 0.23 18.96 -17.28
CA TYR B 184 1.25 18.59 -16.34
C TYR B 184 1.83 17.26 -16.82
N ILE B 185 2.89 17.35 -17.63
CA ILE B 185 3.42 16.17 -18.28
C ILE B 185 4.26 15.39 -17.29
N GLN B 186 3.95 14.10 -17.12
CA GLN B 186 4.69 13.25 -16.21
C GLN B 186 5.97 12.73 -16.89
N PHE B 187 7.10 13.36 -16.60
CA PHE B 187 8.38 12.90 -17.11
C PHE B 187 8.95 11.93 -16.09
N TYR B 188 8.24 10.83 -15.86
CA TYR B 188 8.67 9.80 -14.95
C TYR B 188 7.88 8.54 -15.27
N ASN B 189 8.43 7.40 -14.85
CA ASN B 189 7.83 6.10 -15.07
C ASN B 189 7.76 5.77 -16.56
N ASN B 190 8.55 6.45 -17.39
CA ASN B 190 8.61 6.17 -18.82
C ASN B 190 10.02 6.48 -19.33
N TYR B 191 10.28 6.14 -20.60
CA TYR B 191 11.59 6.29 -21.21
C TYR B 191 12.02 7.76 -21.35
N CYS B 192 11.08 8.71 -21.31
CA CYS B 192 11.38 10.08 -21.71
C CYS B 192 11.57 10.98 -20.49
N SER B 193 12.09 10.38 -19.42
CA SER B 193 12.45 11.10 -18.20
C SER B 193 13.56 12.11 -18.49
N LEU B 194 13.90 12.91 -17.48
CA LEU B 194 14.94 13.93 -17.63
C LEU B 194 16.33 13.30 -17.63
N SER B 195 16.46 12.09 -17.09
CA SER B 195 17.77 11.47 -16.93
C SER B 195 18.07 10.45 -18.04
N GLY B 196 17.10 10.17 -18.92
CA GLY B 196 17.16 9.02 -19.82
C GLY B 196 18.05 9.24 -21.04
N GLY B 197 18.07 10.45 -21.60
CA GLY B 197 18.71 10.71 -22.89
C GLY B 197 17.66 10.90 -23.97
N SER B 198 16.37 10.90 -23.59
CA SER B 198 15.26 10.93 -24.52
C SER B 198 14.18 11.90 -24.03
N PHE B 199 14.60 12.96 -23.31
CA PHE B 199 13.71 13.96 -22.78
C PHE B 199 13.06 14.72 -23.93
N ASN B 200 11.73 14.82 -23.91
CA ASN B 200 10.98 15.18 -25.10
C ASN B 200 10.09 16.39 -24.86
N PHE B 201 10.41 17.22 -23.87
CA PHE B 201 9.64 18.43 -23.66
C PHE B 201 9.81 19.40 -24.83
N ALA B 202 11.05 19.58 -25.28
CA ALA B 202 11.39 20.61 -26.24
C ALA B 202 11.12 20.14 -27.66
N THR B 203 10.77 18.85 -27.83
CA THR B 203 10.53 18.30 -29.15
C THR B 203 9.04 18.04 -29.35
N ASP B 204 8.51 16.97 -28.75
CA ASP B 204 7.14 16.56 -28.99
C ASP B 204 6.15 17.55 -28.38
N TRP B 205 6.39 17.88 -27.12
CA TRP B 205 5.42 18.66 -26.37
C TRP B 205 5.44 20.12 -26.80
N LYS B 206 6.61 20.67 -27.14
CA LYS B 206 6.67 22.02 -27.65
C LYS B 206 5.90 22.08 -28.98
N ASN B 207 6.08 21.05 -29.80
CA ASN B 207 5.34 20.91 -31.04
C ASN B 207 3.84 20.82 -30.75
N TYR B 208 3.46 20.04 -29.72
CA TYR B 208 2.07 19.93 -29.30
C TYR B 208 1.48 21.32 -29.04
N ALA B 209 2.19 22.14 -28.29
CA ALA B 209 1.66 23.43 -27.85
C ALA B 209 1.51 24.38 -29.04
N ARG B 210 2.43 24.27 -30.01
CA ARG B 210 2.51 25.24 -31.08
C ARG B 210 1.60 24.88 -32.24
N THR B 211 1.30 23.60 -32.49
CA THR B 211 0.52 23.27 -33.67
C THR B 211 -0.71 22.41 -33.39
N VAL B 212 -0.90 21.93 -32.17
CA VAL B 212 -1.92 20.91 -31.92
C VAL B 212 -2.93 21.39 -30.89
N SER B 213 -2.44 21.88 -29.77
CA SER B 213 -3.30 22.32 -28.68
C SER B 213 -4.30 23.33 -29.20
N PRO B 214 -5.62 23.07 -29.13
CA PRO B 214 -6.61 24.11 -29.46
C PRO B 214 -6.26 25.45 -28.83
N ASN B 215 -5.98 25.47 -27.51
CA ASN B 215 -5.54 26.67 -26.82
C ASN B 215 -4.05 26.86 -27.08
N LYS B 216 -3.71 27.92 -27.83
CA LYS B 216 -2.34 28.21 -28.22
C LYS B 216 -1.55 28.68 -27.00
N ASN B 217 -2.23 29.16 -25.97
CA ASN B 217 -1.58 29.72 -24.80
C ASN B 217 -1.46 28.67 -23.69
N VAL B 218 -1.63 27.40 -24.05
CA VAL B 218 -1.56 26.33 -23.06
C VAL B 218 -0.21 26.38 -22.37
N LEU B 219 -0.20 26.20 -21.04
CA LEU B 219 1.05 26.15 -20.30
C LEU B 219 1.43 24.68 -20.07
N LEU B 220 2.66 24.34 -20.45
CA LEU B 220 3.22 23.02 -20.26
C LEU B 220 4.09 23.04 -19.01
N TYR B 221 3.86 22.09 -18.09
CA TYR B 221 4.64 21.97 -16.89
C TYR B 221 5.49 20.71 -16.98
N ILE B 222 6.71 20.76 -16.44
CA ILE B 222 7.57 19.60 -16.37
C ILE B 222 7.24 18.84 -15.08
N GLY B 223 6.53 17.72 -15.23
CA GLY B 223 6.06 16.96 -14.10
C GLY B 223 7.16 16.03 -13.60
N LEU B 224 7.51 16.18 -12.32
CA LEU B 224 8.65 15.52 -11.71
C LEU B 224 8.24 14.81 -10.42
N PRO B 225 8.90 13.69 -10.09
CA PRO B 225 8.79 13.08 -8.77
C PRO B 225 9.38 13.99 -7.69
N GLY B 226 8.70 14.04 -6.54
CA GLY B 226 9.11 14.85 -5.41
C GLY B 226 10.30 14.25 -4.67
N ALA B 227 10.49 12.92 -4.81
CA ALA B 227 11.50 12.18 -4.06
C ALA B 227 11.75 10.87 -4.77
N PRO B 228 12.89 10.19 -4.54
CA PRO B 228 13.09 8.86 -5.12
C PRO B 228 11.94 7.88 -4.89
N ARG B 229 11.21 8.02 -3.77
CA ARG B 229 10.18 7.06 -3.40
C ARG B 229 8.86 7.29 -4.13
N SER B 230 8.75 8.35 -4.95
CA SER B 230 7.50 8.73 -5.56
C SER B 230 7.32 8.23 -6.98
N ALA B 231 8.30 7.49 -7.52
CA ALA B 231 8.16 6.89 -8.83
C ALA B 231 9.10 5.70 -8.92
N GLY B 232 8.85 4.81 -9.90
CA GLY B 232 9.75 3.71 -10.18
C GLY B 232 11.05 4.22 -10.79
N LEU B 233 10.95 5.20 -11.69
CA LEU B 233 12.13 5.81 -12.29
C LEU B 233 11.76 7.23 -12.65
N GLY B 234 12.75 8.13 -12.68
CA GLY B 234 12.55 9.46 -13.24
C GLY B 234 12.96 10.58 -12.29
N TYR B 235 13.18 10.24 -11.01
CA TYR B 235 13.58 11.21 -10.01
C TYR B 235 14.93 11.77 -10.40
N VAL B 236 15.05 13.09 -10.39
CA VAL B 236 16.27 13.76 -10.77
C VAL B 236 16.55 14.81 -9.71
N ASP B 237 17.82 14.89 -9.29
CA ASP B 237 18.23 15.95 -8.40
C ASP B 237 18.28 17.23 -9.24
N ILE B 238 18.47 18.35 -8.55
CA ILE B 238 18.39 19.65 -9.17
C ILE B 238 19.47 19.83 -10.24
N GLU B 239 20.68 19.31 -10.00
CA GLU B 239 21.77 19.42 -10.97
CA GLU B 239 21.75 19.43 -10.97
C GLU B 239 21.36 18.79 -12.31
N GLN B 240 20.64 17.66 -12.25
CA GLN B 240 20.19 16.98 -13.46
C GLN B 240 19.12 17.80 -14.18
N VAL B 241 18.25 18.44 -13.39
CA VAL B 241 17.21 19.29 -13.97
C VAL B 241 17.89 20.42 -14.74
N LYS B 242 18.86 21.08 -14.09
CA LYS B 242 19.62 22.18 -14.68
C LYS B 242 20.27 21.77 -15.99
N ARG B 243 20.79 20.55 -16.06
CA ARG B 243 21.52 20.10 -17.24
C ARG B 243 20.60 20.06 -18.46
N VAL B 244 19.31 19.87 -18.24
CA VAL B 244 18.42 19.52 -19.32
C VAL B 244 17.32 20.57 -19.48
N VAL B 245 17.17 21.45 -18.50
CA VAL B 245 16.17 22.50 -18.56
C VAL B 245 16.89 23.83 -18.49
N GLY B 246 17.30 24.37 -19.65
CA GLY B 246 18.00 25.64 -19.68
C GLY B 246 17.09 26.80 -20.06
N LYS B 247 17.74 27.90 -20.46
CA LYS B 247 17.10 29.14 -20.83
C LYS B 247 16.04 28.89 -21.91
N ASP B 248 16.35 28.05 -22.91
CA ASP B 248 15.46 27.86 -24.03
C ASP B 248 14.08 27.46 -23.54
N ILE B 249 14.03 26.53 -22.56
CA ILE B 249 12.77 26.07 -22.00
C ILE B 249 12.21 27.12 -21.02
N LEU B 250 13.05 27.59 -20.09
CA LEU B 250 12.62 28.47 -19.00
C LEU B 250 11.93 29.73 -19.53
N ASP B 251 12.32 30.18 -20.73
CA ASP B 251 11.82 31.43 -21.29
C ASP B 251 10.80 31.19 -22.40
N ASP B 252 10.35 29.94 -22.56
CA ASP B 252 9.33 29.64 -23.55
C ASP B 252 8.00 30.25 -23.09
N PRO B 253 7.26 30.94 -23.99
CA PRO B 253 5.91 31.42 -23.67
C PRO B 253 4.95 30.34 -23.15
N ASN B 254 5.11 29.09 -23.61
CA ASN B 254 4.23 27.99 -23.23
C ASN B 254 4.77 27.20 -22.05
N PHE B 255 5.84 27.67 -21.39
CA PHE B 255 6.38 26.95 -20.26
C PHE B 255 5.73 27.48 -18.98
N GLY B 256 5.04 26.58 -18.26
CA GLY B 256 4.31 26.93 -17.05
C GLY B 256 5.17 26.83 -15.78
N GLY B 257 6.17 25.94 -15.78
CA GLY B 257 6.92 25.63 -14.59
C GLY B 257 6.99 24.12 -14.34
N PHE B 258 6.93 23.72 -13.07
CA PHE B 258 7.14 22.34 -12.67
C PHE B 258 5.92 21.84 -11.91
N MET B 259 5.53 20.58 -12.20
CA MET B 259 4.58 19.88 -11.37
C MET B 259 5.34 18.87 -10.52
N LEU B 260 4.80 18.56 -9.32
CA LEU B 260 5.43 17.62 -8.42
C LEU B 260 4.44 16.60 -7.91
N TRP B 261 4.82 15.33 -8.02
CA TRP B 261 4.17 14.24 -7.33
C TRP B 261 5.06 13.79 -6.18
N ASP B 262 4.76 14.19 -4.95
CA ASP B 262 3.66 15.06 -4.57
C ASP B 262 4.16 16.02 -3.50
N ALA B 263 3.23 16.67 -2.80
CA ALA B 263 3.55 17.70 -1.83
C ALA B 263 4.33 17.13 -0.63
N SER B 264 3.85 16.02 -0.05
CA SER B 264 4.49 15.44 1.13
C SER B 264 5.91 15.01 0.80
N SER B 265 6.06 14.49 -0.41
CA SER B 265 7.29 13.92 -0.90
CA SER B 265 7.31 13.91 -0.87
C SER B 265 8.32 15.03 -1.15
N ALA B 266 7.89 16.06 -1.89
CA ALA B 266 8.75 17.20 -2.22
C ALA B 266 9.19 17.93 -0.96
N GLU B 267 8.34 17.97 0.06
CA GLU B 267 8.64 18.74 1.25
C GLU B 267 9.68 18.02 2.10
N ALA B 268 9.57 16.69 2.23
CA ALA B 268 10.46 15.94 3.12
C ALA B 268 11.83 15.76 2.48
N ASN B 269 11.90 15.77 1.14
CA ASN B 269 13.15 15.63 0.42
C ASN B 269 13.93 16.95 0.48
N LYS B 270 14.87 17.03 1.43
CA LYS B 270 15.69 18.21 1.66
C LYS B 270 17.12 17.96 1.24
N ASP B 271 17.76 19.01 0.70
CA ASP B 271 19.19 19.01 0.42
C ASP B 271 19.98 19.27 1.70
N ALA B 272 21.32 19.32 1.56
CA ALA B 272 22.27 19.53 2.65
C ALA B 272 21.98 20.83 3.41
N HIS B 273 21.50 21.86 2.69
CA HIS B 273 21.18 23.15 3.28
C HIS B 273 19.79 23.15 3.90
N GLY B 274 19.12 22.00 3.95
CA GLY B 274 17.79 21.91 4.54
C GLY B 274 16.69 22.50 3.67
N VAL B 275 16.98 22.73 2.38
CA VAL B 275 15.99 23.25 1.45
C VAL B 275 15.29 22.08 0.77
N SER B 276 13.96 22.17 0.75
CA SER B 276 13.12 21.10 0.23
C SER B 276 12.92 21.28 -1.27
N TYR B 277 12.51 20.19 -1.94
CA TYR B 277 12.67 20.03 -3.38
C TYR B 277 11.80 21.01 -4.15
N ASP B 278 10.61 21.33 -3.63
CA ASP B 278 9.74 22.30 -4.24
C ASP B 278 10.41 23.67 -4.26
N GLN B 279 11.05 24.03 -3.15
CA GLN B 279 11.76 25.30 -3.05
C GLN B 279 13.02 25.29 -3.93
N GLN B 280 13.73 24.16 -4.01
CA GLN B 280 14.89 24.10 -4.89
C GLN B 280 14.47 24.48 -6.30
N LEU B 281 13.38 23.89 -6.78
CA LEU B 281 12.90 24.14 -8.13
C LEU B 281 12.49 25.60 -8.30
N LYS B 282 11.81 26.16 -7.30
CA LYS B 282 11.37 27.55 -7.38
C LYS B 282 12.60 28.45 -7.46
N ASN B 283 13.57 28.19 -6.58
CA ASN B 283 14.80 28.95 -6.54
C ASN B 283 15.53 28.85 -7.86
N TYR B 284 15.49 27.67 -8.48
CA TYR B 284 16.09 27.49 -9.78
C TYR B 284 15.37 28.35 -10.83
N MET B 285 14.03 28.40 -10.79
CA MET B 285 13.31 29.20 -11.78
C MET B 285 13.60 30.69 -11.60
N ASN B 286 13.73 31.14 -10.35
CA ASN B 286 13.92 32.55 -10.06
C ASN B 286 15.38 32.95 -10.24
N ASN B 287 16.32 32.02 -10.05
CA ASN B 287 17.74 32.28 -10.19
C ASN B 287 18.37 31.23 -11.08
N PRO B 288 17.97 31.14 -12.38
CA PRO B 288 18.46 30.09 -13.27
C PRO B 288 19.97 29.89 -13.17
N GLY B 289 20.72 30.96 -12.86
CA GLY B 289 22.17 30.89 -12.87
C GLY B 289 22.70 30.61 -14.27
N VAL B 290 21.79 30.67 -15.27
CA VAL B 290 21.98 30.15 -16.63
C VAL B 290 23.45 29.72 -16.82
N ASP B 291 23.64 28.42 -17.07
CA ASP B 291 24.94 27.84 -17.32
C ASP B 291 25.99 28.94 -17.55
#